data_1L9A
#
_entry.id   1L9A
#
_cell.length_a   70.765
_cell.length_b   223.875
_cell.length_c   43.024
_cell.angle_alpha   90.00
_cell.angle_beta   90.00
_cell.angle_gamma   90.00
#
_symmetry.space_group_name_H-M   'P 21 21 2'
#
loop_
_entity.id
_entity.type
_entity.pdbx_description
1 polymer 'signal recognition particle RNA S domain'
2 polymer 'SIGNAL RECOGNITION PARTICLE 19 KDA PROTEIN'
3 non-polymer 'MAGNESIUM ION'
4 non-polymer 'METHYL MERCURY ION'
5 water water
#
loop_
_entity_poly.entity_id
_entity_poly.type
_entity_poly.pdbx_seq_one_letter_code
_entity_poly.pdbx_strand_id
1 'polyribonucleotide'
;GACACUAAGUUCGGCAUCAAUAUGGUGACCUCCCGGGAGCGGGGGACCACCAGGUUGCCUAAGGAGGGGUGAACCGGCCC
AGGUCGGAAACGGAGCAGGUCAAAACUCCCGUGCUGAUCAGUAGUGU(CCC)
;
B
2 'polypeptide(L)'
;MIIWPSYIDKKKSRREGRKVPEELAIEKPSLKDIEKALKKLGLEPKIYRDKRYPRQHWEIAGRVEVDYKGNKLCLLKEIA
KIIKGKN
;
A
#
# COMPACT_ATOMS: atom_id res chain seq x y z
N MET B 1 -7.18 3.34 -9.49
CA MET B 1 -6.12 2.39 -9.04
C MET B 1 -6.40 1.94 -7.62
N ILE B 2 -6.28 0.64 -7.37
CA ILE B 2 -6.54 0.04 -6.07
C ILE B 2 -5.23 -0.37 -5.43
N ILE B 3 -5.00 0.09 -4.20
CA ILE B 3 -3.81 -0.25 -3.44
C ILE B 3 -4.23 -1.09 -2.24
N TRP B 4 -4.03 -2.40 -2.36
CA TRP B 4 -4.24 -3.33 -1.26
C TRP B 4 -3.01 -3.24 -0.35
N PRO B 5 -3.19 -3.04 0.95
CA PRO B 5 -2.04 -2.95 1.88
C PRO B 5 -1.05 -4.13 1.81
N SER B 6 -1.54 -5.34 1.54
CA SER B 6 -0.67 -6.50 1.31
C SER B 6 0.41 -6.28 0.26
N TYR B 7 0.15 -5.42 -0.72
CA TYR B 7 1.14 -5.08 -1.75
C TYR B 7 2.48 -4.55 -1.21
N ILE B 8 2.47 -3.98 -0.01
CA ILE B 8 3.67 -3.37 0.54
C ILE B 8 4.05 -3.93 1.92
N ASP B 9 3.42 -5.01 2.36
CA ASP B 9 3.78 -5.59 3.66
C ASP B 9 5.04 -6.45 3.58
N LYS B 10 6.04 -6.13 4.40
CA LYS B 10 7.29 -6.88 4.44
C LYS B 10 7.12 -8.25 5.09
N LYS B 11 6.12 -8.39 5.95
CA LYS B 11 5.88 -9.65 6.65
C LYS B 11 5.20 -10.68 5.77
N LYS B 12 4.68 -10.25 4.62
CA LYS B 12 4.00 -11.14 3.70
C LYS B 12 4.88 -11.54 2.55
N SER B 13 4.81 -12.81 2.20
CA SER B 13 5.48 -13.36 1.04
C SER B 13 4.91 -12.76 -0.25
N ARG B 14 5.49 -13.14 -1.38
CA ARG B 14 5.04 -12.65 -2.69
C ARG B 14 3.68 -13.22 -3.04
N ARG B 15 3.55 -14.53 -2.90
CA ARG B 15 2.28 -15.24 -3.13
C ARG B 15 1.16 -14.78 -2.18
N GLU B 16 1.51 -14.10 -1.09
CA GLU B 16 0.53 -13.65 -0.12
C GLU B 16 0.13 -12.20 -0.33
N GLY B 17 0.61 -11.58 -1.40
CA GLY B 17 0.34 -10.17 -1.65
C GLY B 17 1.52 -9.34 -2.14
N ARG B 18 2.62 -9.34 -1.39
CA ARG B 18 3.75 -8.43 -1.65
C ARG B 18 4.04 -8.20 -3.14
N LYS B 19 3.91 -6.95 -3.58
CA LYS B 19 4.23 -6.54 -4.93
C LYS B 19 5.54 -5.76 -5.00
N VAL B 20 5.98 -5.27 -3.83
CA VAL B 20 7.14 -4.38 -3.71
C VAL B 20 8.33 -5.20 -3.19
N PRO B 21 9.55 -4.98 -3.74
CA PRO B 21 10.79 -5.67 -3.34
C PRO B 21 11.00 -5.65 -1.81
N GLU B 22 11.82 -6.54 -1.29
CA GLU B 22 12.01 -6.70 0.15
C GLU B 22 12.63 -5.46 0.79
N GLU B 23 13.51 -4.78 0.06
CA GLU B 23 14.24 -3.64 0.60
C GLU B 23 13.38 -2.40 0.75
N LEU B 24 12.21 -2.39 0.11
CA LEU B 24 11.26 -1.29 0.17
C LEU B 24 9.98 -1.60 0.94
N ALA B 25 9.77 -2.86 1.29
CA ALA B 25 8.51 -3.26 1.94
C ALA B 25 8.44 -2.73 3.37
N ILE B 26 7.25 -2.36 3.79
CA ILE B 26 7.03 -1.68 5.07
C ILE B 26 6.62 -2.67 6.17
N GLU B 27 7.07 -2.40 7.39
CA GLU B 27 6.87 -3.32 8.53
C GLU B 27 5.41 -3.59 8.85
N LYS B 28 4.66 -2.52 9.12
CA LYS B 28 3.23 -2.66 9.39
C LYS B 28 2.48 -1.59 8.61
N PRO B 29 2.17 -1.88 7.35
CA PRO B 29 1.47 -0.93 6.49
C PRO B 29 0.11 -0.60 7.05
N SER B 30 -0.26 0.68 7.04
CA SER B 30 -1.56 1.09 7.52
C SER B 30 -2.18 2.04 6.53
N LEU B 31 -3.51 2.06 6.49
CA LEU B 31 -4.24 2.89 5.55
C LEU B 31 -3.87 4.36 5.64
N LYS B 32 -3.45 4.81 6.82
CA LYS B 32 -3.02 6.20 7.00
C LYS B 32 -1.68 6.46 6.33
N ASP B 33 -0.69 5.61 6.62
CA ASP B 33 0.61 5.64 5.94
C ASP B 33 0.47 5.71 4.41
N ILE B 34 -0.49 4.97 3.86
CA ILE B 34 -0.71 4.95 2.42
C ILE B 34 -1.42 6.22 1.99
N GLU B 35 -2.39 6.66 2.78
CA GLU B 35 -3.12 7.90 2.52
C GLU B 35 -2.19 9.11 2.59
N LYS B 36 -1.28 9.10 3.55
CA LYS B 36 -0.40 10.22 3.80
C LYS B 36 0.64 10.33 2.69
N ALA B 37 1.28 9.22 2.39
CA ALA B 37 2.24 9.13 1.29
C ALA B 37 1.61 9.54 -0.04
N LEU B 38 0.39 9.09 -0.29
CA LEU B 38 -0.31 9.41 -1.53
C LEU B 38 -0.63 10.89 -1.60
N LYS B 39 -0.91 11.50 -0.45
CA LYS B 39 -1.17 12.93 -0.39
C LYS B 39 0.11 13.72 -0.59
N LYS B 40 1.23 13.13 -0.17
CA LYS B 40 2.56 13.71 -0.34
C LYS B 40 2.95 13.74 -1.83
N LEU B 41 2.33 12.89 -2.64
CA LEU B 41 2.57 12.86 -4.08
C LEU B 41 1.61 13.77 -4.84
N GLY B 42 0.80 14.53 -4.11
CA GLY B 42 -0.14 15.45 -4.72
C GLY B 42 -1.36 14.76 -5.31
N LEU B 43 -1.69 13.60 -4.75
CA LEU B 43 -2.84 12.81 -5.22
C LEU B 43 -3.92 12.80 -4.15
N GLU B 44 -5.08 12.25 -4.50
CA GLU B 44 -6.25 12.25 -3.62
C GLU B 44 -6.71 10.84 -3.32
N PRO B 45 -6.27 10.28 -2.19
CA PRO B 45 -6.66 8.94 -1.78
C PRO B 45 -8.10 8.87 -1.34
N LYS B 46 -8.59 7.63 -1.20
CA LYS B 46 -9.95 7.36 -0.77
C LYS B 46 -9.92 6.04 -0.02
N ILE B 47 -9.91 6.12 1.30
CA ILE B 47 -9.81 4.94 2.16
C ILE B 47 -11.14 4.20 2.21
N TYR B 48 -11.07 2.87 2.26
CA TYR B 48 -12.23 1.98 2.33
C TYR B 48 -11.97 0.96 3.44
N ARG B 49 -12.29 1.33 4.68
CA ARG B 49 -11.97 0.49 5.84
C ARG B 49 -12.49 -0.93 5.68
N ASP B 50 -13.77 -1.05 5.32
CA ASP B 50 -14.41 -2.36 5.16
C ASP B 50 -14.23 -2.94 3.75
N LYS B 51 -13.19 -3.75 3.58
CA LYS B 51 -12.85 -4.38 2.30
C LYS B 51 -11.65 -5.26 2.60
N ARG B 52 -11.62 -6.48 2.07
CA ARG B 52 -10.59 -7.45 2.48
C ARG B 52 -9.95 -8.12 1.29
N TYR B 53 -8.62 -8.14 1.28
CA TYR B 53 -7.85 -8.85 0.25
C TYR B 53 -8.26 -10.33 0.29
N PRO B 54 -8.77 -10.86 -0.82
CA PRO B 54 -9.15 -12.28 -0.89
C PRO B 54 -8.12 -13.30 -0.38
N ARG B 55 -6.83 -13.01 -0.51
CA ARG B 55 -5.80 -13.91 0.00
C ARG B 55 -5.71 -13.90 1.52
N GLN B 56 -6.34 -12.91 2.14
CA GLN B 56 -6.54 -12.89 3.58
C GLN B 56 -7.96 -12.47 3.94
N HIS B 57 -8.96 -13.21 3.45
CA HIS B 57 -10.36 -12.87 3.74
C HIS B 57 -10.63 -12.66 5.24
N TRP B 58 -10.04 -13.48 6.08
CA TRP B 58 -10.30 -13.40 7.52
C TRP B 58 -9.99 -12.00 8.11
N GLU B 59 -9.04 -11.30 7.49
CA GLU B 59 -8.49 -10.04 7.97
C GLU B 59 -9.07 -8.80 7.27
N ILE B 60 -9.79 -7.96 8.03
CA ILE B 60 -10.38 -6.72 7.49
C ILE B 60 -9.41 -5.54 7.59
N ALA B 61 -8.41 -5.50 6.70
CA ALA B 61 -7.51 -4.37 6.62
C ALA B 61 -7.86 -3.67 5.29
N GLY B 62 -8.57 -2.55 5.40
CA GLY B 62 -9.08 -1.72 4.29
C GLY B 62 -8.37 -1.83 2.93
N ARG B 63 -8.31 -0.70 2.25
CA ARG B 63 -7.70 -0.51 0.94
C ARG B 63 -7.94 0.94 0.51
N VAL B 64 -6.92 1.58 -0.05
CA VAL B 64 -7.09 2.95 -0.55
C VAL B 64 -7.28 2.92 -2.06
N GLU B 65 -7.74 4.05 -2.62
CA GLU B 65 -7.94 4.16 -4.06
C GLU B 65 -7.54 5.54 -4.55
N VAL B 66 -6.84 5.59 -5.68
CA VAL B 66 -6.41 6.84 -6.29
C VAL B 66 -6.65 6.87 -7.80
N ASP B 67 -6.78 8.07 -8.34
CA ASP B 67 -7.03 8.25 -9.75
C ASP B 67 -5.79 7.97 -10.61
N TYR B 68 -4.61 8.05 -9.98
CA TYR B 68 -3.32 7.88 -10.67
C TYR B 68 -3.32 6.93 -11.86
N LYS B 69 -2.69 7.35 -12.94
CA LYS B 69 -2.49 6.51 -14.11
C LYS B 69 -1.03 6.58 -14.53
N GLY B 70 -0.25 5.68 -13.95
CA GLY B 70 1.11 5.43 -14.38
C GLY B 70 1.39 3.97 -14.13
N ASN B 71 2.63 3.63 -13.78
CA ASN B 71 2.97 2.27 -13.40
C ASN B 71 2.48 2.05 -11.98
N LYS B 72 1.51 1.15 -11.81
CA LYS B 72 1.05 0.79 -10.47
C LYS B 72 2.24 0.43 -9.59
N LEU B 73 3.15 -0.38 -10.13
CA LEU B 73 4.35 -0.77 -9.40
C LEU B 73 5.19 0.45 -9.03
N CYS B 74 5.45 1.34 -9.99
CA CYS B 74 6.22 2.55 -9.69
C CYS B 74 5.58 3.28 -8.53
N LEU B 75 4.27 3.52 -8.67
CA LEU B 75 3.56 4.24 -7.61
C LEU B 75 3.80 3.56 -6.28
N LEU B 76 3.63 2.25 -6.23
CA LEU B 76 3.78 1.48 -5.00
C LEU B 76 5.19 1.60 -4.41
N LYS B 77 6.21 1.48 -5.25
CA LYS B 77 7.60 1.61 -4.81
C LYS B 77 7.84 3.00 -4.22
N GLU B 78 7.19 3.99 -4.81
CA GLU B 78 7.35 5.40 -4.41
C GLU B 78 6.69 5.71 -3.06
N ILE B 79 5.55 5.06 -2.82
CA ILE B 79 4.83 5.27 -1.57
C ILE B 79 5.52 4.48 -0.47
N ALA B 80 6.31 3.49 -0.87
CA ALA B 80 7.11 2.72 0.07
C ALA B 80 8.32 3.54 0.52
N LYS B 81 8.93 4.27 -0.41
CA LYS B 81 10.10 5.08 -0.10
C LYS B 81 9.72 6.27 0.81
N ILE B 82 8.54 6.83 0.59
CA ILE B 82 8.06 7.95 1.40
C ILE B 82 7.92 7.55 2.86
N ILE B 83 7.28 6.41 3.09
CA ILE B 83 6.95 5.94 4.45
C ILE B 83 8.15 5.85 5.40
N LYS B 84 9.36 5.67 4.88
CA LYS B 84 10.57 5.65 5.71
C LYS B 84 11.68 6.59 5.21
N GLY B 85 11.69 7.81 5.72
CA GLY B 85 12.76 8.77 5.45
C GLY B 85 13.25 9.45 6.72
N LYS B 86 13.04 8.75 7.84
CA LYS B 86 13.40 9.19 9.21
C LYS B 86 12.88 8.12 10.21
N ASN B 87 13.78 7.35 10.84
CA ASN B 87 13.35 6.32 11.80
C ASN B 87 12.55 6.84 12.98
#